data_6YM5
#
_entry.id   6YM5
#
_cell.length_a   43.900
_cell.length_b   99.388
_cell.length_c   104.302
_cell.angle_alpha   90.000
_cell.angle_beta   93.650
_cell.angle_gamma   90.000
#
_symmetry.space_group_name_H-M   'P 1 21 1'
#
loop_
_entity.id
_entity.type
_entity.pdbx_description
1 polymer 'Phosphatidylinositol 5-phosphate 4-kinase type-2 alpha'
2 non-polymer 'PHOSPHATE ION'
3 non-polymer '(2~{R})-2-[[3-cyano-2-[4-(2-fluoranyl-3-methyl-phenyl)phenyl]-1,7-naphthyridin-4-yl]amino]butanoic acid'
4 water water
#
_entity_poly.entity_id   1
_entity_poly.type   'polypeptide(L)'
_entity_poly.pdbx_seq_one_letter_code
;MHHHHHHSSGVDLGTENLYFQSMDPLLSVLMWGVNHSINELSHVQIPVMLMPDDFKAYSKIKVDNHLFNKENMPSHFKFK
EYCPMVFRNLRERFGIDDQDFQNSLTRSAPLPNDSQARSGARFHTSYDKRYIIKTITSEDVAEMHNILKKYHQYIVECHG
ITLLPQFLGMYRLNVDGVEIYVIVTRNVFSHRLSVYRKYDLKGSTVAREASDKEKAKELPTLKDNDFINEGQKIYIDDNN
KKVFLEKLKKDVEFLAQLKLMDYSLLVGIHDVERAEQEEVECEENDGEEEGESDGTHPVGTPPDSPGNTLNSSPPLAPGE
FDPNIDVYGIKCHENSPRKEVYFMAII(PHD)ILTHYDAKKKAAHAAKTVKHGAGAEISTVNPEQYSKRFLDFIGHIL
;
_entity_poly.pdbx_strand_id   A,B
#
# COMPACT_ATOMS: atom_id res chain seq x y z
N ASN A 17 -0.52 14.67 5.61
CA ASN A 17 -1.29 13.44 5.17
C ASN A 17 -1.14 12.39 6.27
N LEU A 18 -1.15 11.09 5.92
CA LEU A 18 -1.06 9.97 6.87
C LEU A 18 0.40 9.48 6.96
N TYR A 19 1.05 9.60 8.12
CA TYR A 19 2.45 9.17 8.37
C TYR A 19 2.54 7.94 9.33
N PHE A 20 1.44 7.60 10.01
CA PHE A 20 1.29 6.48 10.99
C PHE A 20 2.20 6.67 12.19
N GLN A 21 2.48 7.92 12.56
CA GLN A 21 3.34 8.27 13.71
C GLN A 21 2.63 7.97 15.05
N SER A 22 3.42 7.52 16.02
CA SER A 22 3.01 7.25 17.43
C SER A 22 4.25 7.22 18.31
N MET A 23 4.10 7.55 19.59
CA MET A 23 5.14 7.29 20.62
C MET A 23 5.25 5.78 20.78
N ASP A 24 4.20 5.07 20.39
CA ASP A 24 4.07 3.60 20.54
C ASP A 24 4.42 2.98 19.20
N PRO A 25 5.62 2.40 19.00
CA PRO A 25 5.94 1.79 17.73
C PRO A 25 4.99 0.63 17.37
N LEU A 26 4.42 -0.07 18.35
CA LEU A 26 3.46 -1.16 18.04
C LEU A 26 2.23 -0.55 17.39
N LEU A 27 1.82 0.63 17.80
CA LEU A 27 0.64 1.25 17.13
C LEU A 27 0.99 1.67 15.70
N SER A 28 2.22 2.14 15.50
CA SER A 28 2.68 2.58 14.18
C SER A 28 2.61 1.39 13.24
N VAL A 29 3.17 0.27 13.66
CA VAL A 29 3.18 -0.95 12.80
C VAL A 29 1.72 -1.36 12.59
N LEU A 30 0.88 -1.37 13.61
CA LEU A 30 -0.55 -1.79 13.43
C LEU A 30 -1.21 -0.92 12.34
N MET A 31 -0.97 0.40 12.35
CA MET A 31 -1.61 1.38 11.42
C MET A 31 -1.08 1.11 9.99
N TRP A 32 0.22 0.95 9.86
CA TRP A 32 0.94 0.56 8.62
C TRP A 32 0.41 -0.79 8.10
N GLY A 33 0.31 -1.82 8.94
CA GLY A 33 -0.11 -3.17 8.53
C GLY A 33 -1.57 -3.26 8.10
N VAL A 34 -2.47 -2.53 8.80
CA VAL A 34 -3.92 -2.46 8.43
C VAL A 34 -4.03 -1.70 7.09
N ASN A 35 -3.26 -0.62 6.94
CA ASN A 35 -3.18 0.13 5.67
C ASN A 35 -2.71 -0.83 4.57
N HIS A 36 -1.63 -1.56 4.86
CA HIS A 36 -1.02 -2.51 3.92
C HIS A 36 -2.05 -3.59 3.56
N SER A 37 -2.53 -4.30 4.56
CA SER A 37 -3.52 -5.40 4.45
C SER A 37 -4.65 -4.98 3.50
N ILE A 38 -5.28 -3.86 3.80
CA ILE A 38 -6.55 -3.48 3.10
C ILE A 38 -6.20 -3.12 1.64
N ASN A 39 -5.09 -2.40 1.41
CA ASN A 39 -4.64 -2.08 0.03
C ASN A 39 -4.31 -3.39 -0.71
N GLU A 40 -3.70 -4.37 -0.05
CA GLU A 40 -3.34 -5.68 -0.64
C GLU A 40 -4.63 -6.37 -1.12
N LEU A 41 -5.62 -6.47 -0.24
CA LEU A 41 -6.95 -7.06 -0.55
C LEU A 41 -7.63 -6.30 -1.67
N SER A 42 -7.33 -5.02 -1.85
CA SER A 42 -7.94 -4.26 -2.97
C SER A 42 -7.48 -4.89 -4.30
N HIS A 43 -6.40 -5.70 -4.28
CA HIS A 43 -5.76 -6.35 -5.47
C HIS A 43 -5.96 -7.88 -5.44
N VAL A 44 -7.06 -8.35 -4.83
CA VAL A 44 -7.41 -9.80 -4.64
C VAL A 44 -8.91 -10.04 -4.84
N GLN A 45 -9.28 -10.89 -5.80
CA GLN A 45 -10.70 -11.18 -6.16
C GLN A 45 -11.52 -11.47 -4.90
N ILE A 46 -12.68 -10.83 -4.80
CA ILE A 46 -13.74 -11.18 -3.80
C ILE A 46 -14.32 -12.50 -4.27
N PRO A 47 -14.13 -13.63 -3.55
CA PRO A 47 -14.58 -14.93 -4.04
C PRO A 47 -16.09 -15.08 -3.83
N VAL A 48 -16.68 -15.97 -4.62
CA VAL A 48 -18.15 -16.24 -4.56
C VAL A 48 -18.39 -16.85 -3.19
N MET A 49 -17.54 -17.78 -2.72
CA MET A 49 -17.63 -18.25 -1.31
C MET A 49 -16.25 -18.61 -0.80
N LEU A 50 -16.06 -18.48 0.53
CA LEU A 50 -14.80 -18.88 1.22
C LEU A 50 -14.62 -20.38 1.09
N MET A 51 -13.38 -20.86 1.10
CA MET A 51 -13.09 -22.30 1.03
C MET A 51 -12.26 -22.69 2.24
N PRO A 52 -12.14 -23.99 2.58
CA PRO A 52 -11.41 -24.44 3.78
C PRO A 52 -10.00 -23.87 3.98
N ASP A 53 -9.20 -23.79 2.91
CA ASP A 53 -7.83 -23.20 2.95
C ASP A 53 -7.82 -21.73 3.46
N ASP A 54 -8.91 -20.99 3.24
CA ASP A 54 -9.01 -19.60 3.70
C ASP A 54 -9.04 -19.55 5.23
N PHE A 55 -9.36 -20.67 5.90
CA PHE A 55 -9.41 -20.75 7.38
C PHE A 55 -8.03 -21.13 7.97
N LYS A 56 -7.03 -21.45 7.14
CA LYS A 56 -5.64 -21.79 7.55
C LYS A 56 -4.60 -20.87 6.90
N ALA A 57 -5.02 -19.78 6.24
CA ALA A 57 -4.19 -18.86 5.43
C ALA A 57 -3.61 -17.73 6.28
N TYR A 58 -2.50 -17.15 5.84
CA TYR A 58 -1.95 -15.88 6.38
C TYR A 58 -1.17 -15.11 5.30
N SER A 59 -0.86 -13.83 5.56
CA SER A 59 0.22 -13.08 4.86
C SER A 59 1.24 -12.58 5.90
N LYS A 60 2.52 -12.81 5.63
CA LYS A 60 3.62 -12.28 6.45
C LYS A 60 4.34 -11.19 5.63
N ILE A 61 4.61 -10.06 6.27
CA ILE A 61 5.41 -9.00 5.64
C ILE A 61 6.52 -8.63 6.63
N LYS A 62 7.75 -8.64 6.17
CA LYS A 62 8.94 -8.16 6.92
C LYS A 62 9.48 -6.93 6.20
N VAL A 63 9.62 -5.84 6.93
CA VAL A 63 10.15 -4.56 6.41
C VAL A 63 11.50 -4.30 7.06
N ASP A 64 12.47 -3.90 6.26
CA ASP A 64 13.79 -3.42 6.70
C ASP A 64 14.13 -2.19 5.86
N ASN A 65 13.83 -1.01 6.40
CA ASN A 65 14.24 0.30 5.85
C ASN A 65 15.60 0.71 6.40
N HIS A 66 16.46 1.28 5.55
CA HIS A 66 17.77 1.84 5.90
C HIS A 66 17.80 3.32 5.49
N LEU A 67 17.96 4.22 6.46
CA LEU A 67 18.03 5.67 6.21
C LEU A 67 16.85 6.09 5.35
N PHE A 68 15.69 5.54 5.63
CA PHE A 68 14.46 5.84 4.87
C PHE A 68 13.31 5.88 5.84
N ASN A 69 12.60 7.00 5.86
CA ASN A 69 11.35 7.23 6.64
C ASN A 69 11.66 6.93 8.10
N LYS A 70 12.84 7.34 8.54
CA LYS A 70 13.47 6.87 9.80
C LYS A 70 12.87 7.62 10.98
N GLU A 71 12.24 8.79 10.73
CA GLU A 71 11.73 9.65 11.81
C GLU A 71 10.32 9.16 12.14
N ASN A 72 9.51 8.86 11.14
CA ASN A 72 8.07 8.50 11.31
C ASN A 72 7.92 7.07 11.84
N MET A 73 8.59 6.11 11.20
CA MET A 73 8.34 4.66 11.35
C MET A 73 9.58 4.00 11.95
N PRO A 74 9.43 2.91 12.72
CA PRO A 74 10.56 2.03 13.01
C PRO A 74 11.04 1.45 11.69
N SER A 75 12.33 1.16 11.61
CA SER A 75 13.03 0.74 10.37
C SER A 75 12.93 -0.77 10.17
N HIS A 76 12.56 -1.54 11.21
CA HIS A 76 12.59 -3.02 11.18
C HIS A 76 11.33 -3.54 11.87
N PHE A 77 10.44 -4.19 11.14
CA PHE A 77 9.24 -4.76 11.79
C PHE A 77 8.67 -5.87 10.91
N LYS A 78 7.81 -6.68 11.52
CA LYS A 78 7.04 -7.77 10.88
C LYS A 78 5.57 -7.50 11.18
N PHE A 79 4.74 -7.81 10.21
CA PHE A 79 3.27 -7.74 10.33
C PHE A 79 2.75 -9.00 9.63
N LYS A 80 1.85 -9.72 10.31
CA LYS A 80 1.20 -10.95 9.81
C LYS A 80 -0.30 -10.83 10.02
N GLU A 81 -1.06 -11.08 8.94
CA GLU A 81 -2.54 -11.10 8.98
C GLU A 81 -2.98 -12.55 8.85
N TYR A 82 -3.76 -13.00 9.84
CA TYR A 82 -4.41 -14.34 9.90
C TYR A 82 -5.66 -14.30 9.04
N CYS A 83 -5.85 -15.34 8.22
CA CYS A 83 -7.07 -15.62 7.43
C CYS A 83 -7.67 -14.35 6.83
N PRO A 84 -6.90 -13.62 5.99
CA PRO A 84 -7.32 -12.33 5.48
C PRO A 84 -8.64 -12.41 4.72
N MET A 85 -8.90 -13.53 4.02
CA MET A 85 -10.12 -13.67 3.20
C MET A 85 -11.33 -13.80 4.13
N VAL A 86 -11.18 -14.47 5.27
CA VAL A 86 -12.32 -14.72 6.20
C VAL A 86 -12.71 -13.38 6.81
N PHE A 87 -11.73 -12.64 7.31
CA PHE A 87 -11.98 -11.37 8.04
C PHE A 87 -12.46 -10.30 7.05
N ARG A 88 -12.00 -10.29 5.80
CA ARG A 88 -12.66 -9.43 4.78
C ARG A 88 -14.15 -9.79 4.69
N ASN A 89 -14.48 -11.08 4.55
CA ASN A 89 -15.89 -11.53 4.41
C ASN A 89 -16.70 -11.13 5.66
N LEU A 90 -16.14 -11.31 6.85
CA LEU A 90 -16.83 -10.96 8.12
C LEU A 90 -17.10 -9.45 8.15
N ARG A 91 -16.11 -8.63 7.79
CA ARG A 91 -16.35 -7.16 7.68
C ARG A 91 -17.57 -6.95 6.80
N GLU A 92 -17.63 -7.60 5.65
CA GLU A 92 -18.71 -7.33 4.69
C GLU A 92 -20.06 -7.72 5.33
N ARG A 93 -20.09 -8.89 5.96
CA ARG A 93 -21.33 -9.45 6.53
C ARG A 93 -21.78 -8.61 7.72
N PHE A 94 -20.86 -7.88 8.37
CA PHE A 94 -21.23 -6.97 9.49
C PHE A 94 -21.41 -5.54 8.97
N GLY A 95 -21.49 -5.34 7.65
CA GLY A 95 -21.86 -4.04 7.05
C GLY A 95 -20.72 -3.04 7.05
N ILE A 96 -19.48 -3.52 7.06
CA ILE A 96 -18.28 -2.65 7.10
C ILE A 96 -17.63 -2.64 5.70
N ASP A 97 -17.47 -1.46 5.15
CA ASP A 97 -16.61 -1.24 3.97
C ASP A 97 -15.13 -1.32 4.38
N ASP A 98 -14.30 -1.98 3.58
CA ASP A 98 -12.83 -2.06 3.81
C ASP A 98 -12.20 -0.65 3.79
N GLN A 99 -12.67 0.28 2.95
CA GLN A 99 -12.08 1.66 2.91
C GLN A 99 -12.36 2.34 4.26
N ASP A 100 -13.61 2.31 4.75
CA ASP A 100 -14.02 2.95 6.02
C ASP A 100 -13.21 2.38 7.18
N PHE A 101 -13.16 1.05 7.24
CA PHE A 101 -12.36 0.29 8.23
C PHE A 101 -10.91 0.79 8.19
N GLN A 102 -10.31 0.88 6.98
CA GLN A 102 -8.91 1.30 6.82
C GLN A 102 -8.75 2.72 7.41
N ASN A 103 -9.60 3.68 7.00
CA ASN A 103 -9.62 5.06 7.53
C ASN A 103 -9.75 5.06 9.07
N SER A 104 -10.65 4.26 9.64
CA SER A 104 -10.96 4.22 11.08
C SER A 104 -9.68 3.88 11.87
N LEU A 105 -8.85 2.99 11.34
CA LEU A 105 -7.67 2.45 12.06
C LEU A 105 -6.37 3.14 11.64
N THR A 106 -6.35 4.02 10.64
CA THR A 106 -5.06 4.57 10.13
C THR A 106 -5.03 6.09 10.04
N ARG A 107 -6.16 6.76 9.81
CA ARG A 107 -6.24 8.23 9.63
C ARG A 107 -5.74 8.89 10.93
N SER A 108 -5.90 8.27 12.09
CA SER A 108 -5.25 8.78 13.32
C SER A 108 -5.05 7.64 14.32
N ALA A 109 -4.05 7.76 15.18
CA ALA A 109 -3.66 6.70 16.11
C ALA A 109 -4.85 6.29 16.98
N PRO A 110 -5.09 4.99 17.18
CA PRO A 110 -6.03 4.52 18.21
C PRO A 110 -5.69 5.03 19.62
N LEU A 111 -6.69 5.40 20.44
CA LEU A 111 -6.48 5.98 21.81
C LEU A 111 -6.48 4.85 22.83
N PRO A 112 -5.54 4.80 23.77
CA PRO A 112 -5.63 3.86 24.89
C PRO A 112 -6.70 4.22 25.94
N ASN A 113 -7.19 3.19 26.66
N ASN A 113 -7.37 3.20 26.48
CA ASN A 113 -7.96 3.30 27.93
CA ASN A 113 -8.25 3.32 27.67
C ASN A 113 -6.98 3.24 29.12
C ASN A 113 -7.41 3.88 28.82
N ARG A 122 -6.68 -3.71 29.48
CA ARG A 122 -6.12 -2.69 28.53
C ARG A 122 -6.66 -2.92 27.10
N PHE A 123 -7.14 -1.86 26.47
CA PHE A 123 -7.52 -1.90 25.05
C PHE A 123 -7.25 -0.53 24.44
N HIS A 124 -7.37 -0.45 23.13
CA HIS A 124 -7.39 0.83 22.42
C HIS A 124 -8.73 0.95 21.71
N THR A 125 -9.11 2.16 21.36
CA THR A 125 -10.33 2.47 20.57
C THR A 125 -9.87 3.22 19.33
N SER A 126 -10.41 2.89 18.17
CA SER A 126 -10.09 3.67 16.95
C SER A 126 -10.43 5.14 17.25
N TYR A 127 -9.76 6.08 16.58
CA TYR A 127 -9.83 7.52 16.89
C TYR A 127 -11.28 7.98 16.76
N ASP A 128 -12.03 7.36 15.86
CA ASP A 128 -13.46 7.66 15.57
C ASP A 128 -14.39 6.78 16.44
N LYS A 129 -13.85 5.97 17.35
CA LYS A 129 -14.64 5.25 18.40
C LYS A 129 -15.53 4.16 17.80
N ARG A 130 -15.18 3.67 16.60
CA ARG A 130 -15.99 2.65 15.91
C ARG A 130 -15.56 1.27 16.40
N TYR A 131 -14.28 1.10 16.73
CA TYR A 131 -13.60 -0.21 16.82
C TYR A 131 -12.73 -0.26 18.08
N ILE A 132 -12.62 -1.47 18.59
CA ILE A 132 -11.82 -1.84 19.76
C ILE A 132 -10.66 -2.67 19.23
N ILE A 133 -9.45 -2.35 19.68
CA ILE A 133 -8.21 -3.12 19.42
C ILE A 133 -7.72 -3.62 20.79
N LYS A 134 -7.34 -4.89 20.86
CA LYS A 134 -7.01 -5.61 22.09
C LYS A 134 -5.81 -6.51 21.82
N THR A 135 -4.81 -6.49 22.71
CA THR A 135 -3.69 -7.46 22.69
C THR A 135 -4.22 -8.80 23.21
N ILE A 136 -3.86 -9.89 22.54
CA ILE A 136 -4.33 -11.26 22.88
C ILE A 136 -3.11 -12.19 22.83
N THR A 137 -3.22 -13.39 23.36
CA THR A 137 -2.11 -14.36 23.54
C THR A 137 -2.06 -15.26 22.32
N SER A 138 -1.02 -16.05 22.12
CA SER A 138 -1.01 -17.03 21.00
C SER A 138 -2.07 -18.12 21.22
N GLU A 139 -2.34 -18.54 22.46
CA GLU A 139 -3.44 -19.48 22.79
C GLU A 139 -4.75 -18.90 22.23
N ASP A 140 -5.06 -17.65 22.55
CA ASP A 140 -6.28 -17.00 22.02
C ASP A 140 -6.27 -17.17 20.49
N VAL A 141 -5.13 -16.97 19.84
CA VAL A 141 -5.07 -17.03 18.35
C VAL A 141 -5.38 -18.46 17.93
N ALA A 142 -4.81 -19.44 18.62
CA ALA A 142 -4.97 -20.87 18.32
C ALA A 142 -6.44 -21.25 18.50
N GLU A 143 -7.09 -20.64 19.48
CA GLU A 143 -8.50 -20.91 19.82
C GLU A 143 -9.40 -20.19 18.81
N MET A 144 -8.99 -19.05 18.27
CA MET A 144 -9.74 -18.36 17.20
C MET A 144 -9.77 -19.27 15.97
N HIS A 145 -8.65 -19.87 15.57
CA HIS A 145 -8.64 -20.79 14.40
C HIS A 145 -9.59 -21.97 14.69
N ASN A 146 -9.56 -22.50 15.93
CA ASN A 146 -10.38 -23.65 16.37
C ASN A 146 -11.87 -23.34 16.16
N ILE A 147 -12.33 -22.14 16.44
CA ILE A 147 -13.77 -21.78 16.28
C ILE A 147 -14.08 -21.09 14.95
N LEU A 148 -13.11 -20.83 14.07
CA LEU A 148 -13.30 -19.76 13.04
C LEU A 148 -14.32 -20.22 12.01
N LYS A 149 -14.21 -21.47 11.53
CA LYS A 149 -15.19 -22.05 10.58
C LYS A 149 -16.59 -21.96 11.17
N LYS A 150 -16.75 -22.35 12.44
CA LYS A 150 -18.10 -22.48 13.01
C LYS A 150 -18.66 -21.08 13.23
N TYR A 151 -17.77 -20.15 13.62
CA TYR A 151 -18.15 -18.75 13.88
C TYR A 151 -18.63 -18.15 12.56
N HIS A 152 -17.91 -18.43 11.47
CA HIS A 152 -18.24 -17.83 10.15
C HIS A 152 -19.59 -18.37 9.66
N GLN A 153 -19.81 -19.68 9.77
CA GLN A 153 -21.09 -20.31 9.35
C GLN A 153 -22.25 -19.76 10.19
N TYR A 154 -22.06 -19.56 11.48
CA TYR A 154 -23.09 -18.95 12.35
C TYR A 154 -23.42 -17.54 11.83
N ILE A 155 -22.42 -16.72 11.53
CA ILE A 155 -22.61 -15.31 11.07
C ILE A 155 -23.39 -15.31 9.77
N VAL A 156 -23.11 -16.26 8.88
CA VAL A 156 -23.91 -16.44 7.63
C VAL A 156 -25.36 -16.70 7.99
N GLU A 157 -25.63 -17.62 8.92
CA GLU A 157 -27.00 -18.17 9.13
C GLU A 157 -27.89 -17.12 9.84
N CYS A 158 -27.34 -16.28 10.72
CA CYS A 158 -28.07 -15.18 11.39
C CYS A 158 -27.91 -13.87 10.59
N HIS A 159 -27.43 -13.94 9.34
CA HIS A 159 -27.34 -12.78 8.42
C HIS A 159 -26.66 -11.63 9.17
N GLY A 160 -25.71 -11.96 10.01
CA GLY A 160 -24.90 -10.98 10.77
C GLY A 160 -25.68 -10.29 11.90
N ILE A 161 -26.85 -10.80 12.27
CA ILE A 161 -27.67 -10.21 13.37
C ILE A 161 -27.39 -11.09 14.58
N THR A 162 -26.57 -10.58 15.47
CA THR A 162 -26.06 -11.29 16.65
C THR A 162 -25.52 -10.23 17.63
N LEU A 163 -25.46 -10.66 18.89
CA LEU A 163 -24.89 -9.89 20.02
C LEU A 163 -23.44 -10.36 20.22
N LEU A 164 -22.99 -11.34 19.45
CA LEU A 164 -21.61 -11.87 19.56
C LEU A 164 -20.62 -10.75 19.24
N PRO A 165 -19.38 -10.83 19.77
CA PRO A 165 -18.29 -9.98 19.29
C PRO A 165 -18.16 -10.15 17.77
N GLN A 166 -18.07 -9.04 17.03
CA GLN A 166 -17.75 -9.07 15.58
C GLN A 166 -16.23 -9.04 15.44
N PHE A 167 -15.62 -10.17 15.09
CA PHE A 167 -14.16 -10.29 14.88
C PHE A 167 -13.86 -9.77 13.48
N LEU A 168 -13.19 -8.63 13.37
CA LEU A 168 -13.03 -7.91 12.07
C LEU A 168 -11.61 -8.03 11.49
N GLY A 169 -10.60 -8.35 12.29
CA GLY A 169 -9.25 -8.63 11.79
C GLY A 169 -8.37 -9.13 12.92
N MET A 170 -7.30 -9.87 12.60
CA MET A 170 -6.47 -10.52 13.64
C MET A 170 -5.04 -10.58 13.15
N TYR A 171 -4.10 -10.02 13.90
CA TYR A 171 -2.73 -9.72 13.42
C TYR A 171 -1.69 -10.15 14.46
N ARG A 172 -0.47 -10.37 13.98
CA ARG A 172 0.78 -10.48 14.77
C ARG A 172 1.77 -9.37 14.34
N LEU A 173 2.24 -8.58 15.31
CA LEU A 173 3.17 -7.43 15.17
C LEU A 173 4.48 -7.84 15.82
N ASN A 174 5.59 -7.36 15.29
CA ASN A 174 6.94 -7.55 15.88
C ASN A 174 7.73 -6.28 15.64
N VAL A 175 8.10 -5.55 16.68
CA VAL A 175 9.05 -4.42 16.52
C VAL A 175 9.91 -4.30 17.76
N ASP A 176 11.22 -4.10 17.58
CA ASP A 176 12.18 -3.91 18.69
C ASP A 176 12.18 -5.20 19.54
N GLY A 177 12.04 -6.36 18.86
CA GLY A 177 11.95 -7.70 19.49
C GLY A 177 10.78 -7.84 20.46
N VAL A 178 9.70 -7.10 20.25
CA VAL A 178 8.46 -7.20 21.08
C VAL A 178 7.40 -7.77 20.16
N GLU A 179 6.81 -8.91 20.54
CA GLU A 179 5.86 -9.67 19.68
C GLU A 179 4.50 -9.58 20.37
N ILE A 180 3.47 -9.11 19.66
CA ILE A 180 2.05 -9.20 20.13
C ILE A 180 1.12 -9.70 19.03
N TYR A 181 0.03 -10.32 19.49
CA TYR A 181 -1.12 -10.70 18.65
C TYR A 181 -2.21 -9.69 18.98
N VAL A 182 -2.99 -9.22 18.00
CA VAL A 182 -4.10 -8.29 18.32
C VAL A 182 -5.34 -8.70 17.56
N ILE A 183 -6.50 -8.44 18.18
CA ILE A 183 -7.83 -8.63 17.57
C ILE A 183 -8.44 -7.25 17.46
N VAL A 184 -9.26 -7.08 16.45
CA VAL A 184 -10.11 -5.87 16.29
C VAL A 184 -11.57 -6.36 16.34
N THR A 185 -12.40 -5.66 17.13
CA THR A 185 -13.83 -5.96 17.30
C THR A 185 -14.60 -4.66 17.13
N ARG A 186 -15.93 -4.77 16.99
CA ARG A 186 -16.79 -3.59 16.89
C ARG A 186 -17.00 -3.05 18.28
N ASN A 187 -16.93 -1.75 18.44
CA ASN A 187 -17.27 -1.11 19.74
C ASN A 187 -18.74 -1.49 20.06
N VAL A 188 -19.02 -1.98 21.26
CA VAL A 188 -20.42 -2.16 21.71
C VAL A 188 -21.08 -0.79 21.79
N PHE A 189 -20.35 0.22 22.28
CA PHE A 189 -20.89 1.59 22.53
C PHE A 189 -20.92 2.41 21.24
N SER A 190 -21.68 3.50 21.29
CA SER A 190 -21.86 4.50 20.22
C SER A 190 -20.55 5.23 19.90
N HIS A 191 -20.38 5.60 18.64
CA HIS A 191 -19.21 6.38 18.15
C HIS A 191 -19.41 7.85 18.56
N ARG A 192 -20.60 8.21 19.02
CA ARG A 192 -21.00 9.61 19.26
C ARG A 192 -21.61 9.82 20.65
N LEU A 193 -22.68 9.07 21.00
CA LEU A 193 -23.37 9.18 22.32
C LEU A 193 -22.44 8.70 23.42
N SER A 194 -22.18 9.54 24.42
CA SER A 194 -21.34 9.21 25.59
C SER A 194 -22.06 8.17 26.49
N VAL A 195 -21.26 7.34 27.17
CA VAL A 195 -21.72 6.33 28.16
C VAL A 195 -21.41 6.88 29.57
N TYR A 196 -22.42 7.15 30.38
CA TYR A 196 -22.25 7.68 31.76
C TYR A 196 -22.14 6.52 32.76
N ARG A 197 -22.64 5.34 32.43
CA ARG A 197 -22.59 4.14 33.30
C ARG A 197 -22.32 2.89 32.47
N LYS A 198 -21.53 1.96 33.00
CA LYS A 198 -21.00 0.79 32.27
C LYS A 198 -20.92 -0.46 33.16
N TYR A 199 -21.48 -1.58 32.70
CA TYR A 199 -21.50 -2.86 33.46
C TYR A 199 -20.93 -4.02 32.65
N ASP A 200 -20.04 -4.80 33.26
CA ASP A 200 -19.61 -6.15 32.83
C ASP A 200 -20.42 -7.16 33.67
N LEU A 201 -21.29 -7.92 33.02
CA LEU A 201 -22.30 -8.79 33.65
C LEU A 201 -22.08 -10.26 33.27
N LYS A 202 -22.10 -11.13 34.27
CA LYS A 202 -21.83 -12.58 34.05
C LYS A 202 -22.97 -13.45 34.58
N GLY A 203 -23.26 -13.21 35.84
CA GLY A 203 -24.17 -14.01 36.62
C GLY A 203 -23.29 -14.72 37.63
N SER A 204 -23.77 -14.86 38.85
CA SER A 204 -23.04 -15.54 39.91
C SER A 204 -21.60 -15.09 40.12
N ARG A 208 -18.45 -10.43 42.31
CA ARG A 208 -18.27 -9.59 41.10
C ARG A 208 -18.81 -8.21 41.44
N GLU A 209 -17.88 -7.37 41.91
CA GLU A 209 -18.11 -5.95 42.25
C GLU A 209 -16.79 -5.27 41.92
N ALA A 210 -16.85 -4.06 41.37
CA ALA A 210 -15.67 -3.23 41.05
C ALA A 210 -14.84 -3.01 42.32
N SER A 211 -13.51 -2.95 42.18
CA SER A 211 -12.57 -2.63 43.29
C SER A 211 -12.84 -1.20 43.80
N ASP A 212 -12.26 -0.84 44.95
CA ASP A 212 -12.23 0.57 45.43
C ASP A 212 -11.52 1.42 44.36
N LYS A 213 -10.47 0.89 43.75
CA LYS A 213 -9.63 1.62 42.75
C LYS A 213 -10.46 1.88 41.50
N GLU A 214 -11.14 0.84 40.97
CA GLU A 214 -11.98 0.92 39.75
C GLU A 214 -13.10 1.97 39.94
N LYS A 215 -13.68 2.07 41.14
CA LYS A 215 -14.89 2.90 41.37
C LYS A 215 -14.54 4.38 41.40
N ALA A 216 -13.26 4.73 41.60
CA ALA A 216 -12.75 6.12 41.72
C ALA A 216 -12.37 6.66 40.35
N LYS A 217 -12.50 5.86 39.29
CA LYS A 217 -12.31 6.33 37.89
C LYS A 217 -13.53 7.14 37.48
N GLU A 218 -13.43 7.81 36.32
CA GLU A 218 -14.50 8.60 35.64
C GLU A 218 -15.60 7.63 35.20
N LEU A 219 -15.22 6.59 34.48
CA LEU A 219 -16.15 5.57 34.00
C LEU A 219 -15.73 4.20 34.53
N PRO A 220 -16.08 3.89 35.79
CA PRO A 220 -15.83 2.55 36.34
C PRO A 220 -16.48 1.48 35.47
N THR A 221 -15.77 0.39 35.20
CA THR A 221 -16.39 -0.89 34.79
C THR A 221 -17.07 -1.51 36.01
N LEU A 222 -18.36 -1.27 36.19
CA LEU A 222 -19.18 -1.86 37.27
C LEU A 222 -19.51 -3.31 36.94
N LYS A 223 -19.85 -4.09 37.96
CA LYS A 223 -20.08 -5.55 37.82
C LYS A 223 -21.43 -5.98 38.42
N ASP A 224 -21.69 -7.27 38.36
CA ASP A 224 -22.92 -7.89 38.82
C ASP A 224 -23.52 -7.33 40.07
N ASN A 225 -22.72 -7.21 41.12
CA ASN A 225 -23.23 -6.73 42.43
C ASN A 225 -23.49 -5.22 42.38
N ASP A 226 -22.61 -4.46 41.74
CA ASP A 226 -22.85 -3.01 41.56
C ASP A 226 -24.24 -2.86 40.90
N PHE A 227 -24.59 -3.73 39.93
CA PHE A 227 -25.86 -3.62 39.17
C PHE A 227 -27.04 -3.78 40.12
N ILE A 228 -26.96 -4.78 41.00
CA ILE A 228 -28.03 -5.08 41.99
C ILE A 228 -28.04 -4.00 43.08
N ASN A 229 -26.90 -3.68 43.70
CA ASN A 229 -26.87 -2.87 44.94
C ASN A 229 -27.14 -1.39 44.61
N GLU A 230 -26.82 -0.93 43.38
CA GLU A 230 -27.10 0.46 42.92
C GLU A 230 -28.57 0.56 42.48
N GLY A 231 -29.31 -0.54 42.47
CA GLY A 231 -30.72 -0.49 42.06
C GLY A 231 -30.84 -0.07 40.62
N GLN A 232 -29.92 -0.53 39.77
CA GLN A 232 -29.90 -0.22 38.32
C GLN A 232 -31.09 -0.91 37.67
N LYS A 233 -31.83 -0.15 36.87
CA LYS A 233 -32.92 -0.67 36.03
C LYS A 233 -32.60 -0.32 34.57
N ILE A 234 -33.06 -1.18 33.67
CA ILE A 234 -33.02 -1.00 32.19
C ILE A 234 -34.46 -1.04 31.70
N TYR A 235 -34.90 0.02 31.05
CA TYR A 235 -36.31 0.25 30.63
C TYR A 235 -36.38 0.16 29.11
N ILE A 236 -36.52 -1.06 28.58
CA ILE A 236 -36.80 -1.30 27.14
C ILE A 236 -38.18 -1.96 27.05
N ASP A 237 -38.94 -1.70 25.98
CA ASP A 237 -40.34 -2.16 25.87
C ASP A 237 -40.35 -3.67 25.61
N ASP A 238 -41.49 -4.33 25.86
CA ASP A 238 -41.69 -5.80 25.77
C ASP A 238 -41.13 -6.32 24.43
N ASN A 239 -41.37 -5.60 23.33
CA ASN A 239 -40.95 -6.05 21.99
C ASN A 239 -39.41 -6.17 21.94
N ASN A 240 -38.69 -5.10 22.28
CA ASN A 240 -37.20 -5.08 22.16
C ASN A 240 -36.62 -6.08 23.15
N LYS A 241 -37.24 -6.22 24.32
CA LYS A 241 -36.81 -7.20 25.34
C LYS A 241 -36.89 -8.60 24.72
N LYS A 242 -38.03 -8.93 24.12
CA LYS A 242 -38.25 -10.24 23.48
C LYS A 242 -37.20 -10.42 22.39
N VAL A 243 -37.08 -9.47 21.46
CA VAL A 243 -36.11 -9.56 20.33
C VAL A 243 -34.69 -9.81 20.89
N PHE A 244 -34.30 -9.06 21.92
CA PHE A 244 -32.92 -9.02 22.49
C PHE A 244 -32.60 -10.33 23.22
N LEU A 245 -33.52 -10.77 24.09
CA LEU A 245 -33.38 -12.06 24.80
C LEU A 245 -33.46 -13.22 23.81
N GLU A 246 -34.17 -13.08 22.66
CA GLU A 246 -34.20 -14.14 21.62
C GLU A 246 -32.81 -14.26 20.97
N LYS A 247 -32.15 -13.16 20.61
CA LYS A 247 -30.78 -13.25 20.02
C LYS A 247 -29.85 -13.84 21.10
N LEU A 248 -29.93 -13.31 22.31
CA LEU A 248 -28.91 -13.63 23.34
C LEU A 248 -28.90 -15.14 23.58
N LYS A 249 -30.09 -15.73 23.65
CA LYS A 249 -30.33 -17.19 23.85
C LYS A 249 -29.67 -18.00 22.71
N LYS A 250 -29.81 -17.54 21.47
CA LYS A 250 -29.25 -18.22 20.28
C LYS A 250 -27.72 -18.12 20.31
N ASP A 251 -27.22 -16.91 20.55
CA ASP A 251 -25.78 -16.60 20.62
C ASP A 251 -25.15 -17.38 21.77
N VAL A 252 -25.81 -17.45 22.93
CA VAL A 252 -25.29 -18.12 24.15
C VAL A 252 -25.32 -19.63 23.97
N GLU A 253 -26.32 -20.16 23.27
CA GLU A 253 -26.39 -21.62 23.01
C GLU A 253 -25.30 -22.02 22.04
N PHE A 254 -24.98 -21.15 21.08
CA PHE A 254 -23.89 -21.38 20.10
C PHE A 254 -22.55 -21.45 20.85
N LEU A 255 -22.35 -20.54 21.80
CA LEU A 255 -21.12 -20.47 22.63
C LEU A 255 -20.99 -21.74 23.47
N ALA A 256 -22.10 -22.25 24.00
CA ALA A 256 -22.12 -23.51 24.78
C ALA A 256 -21.79 -24.70 23.86
N GLN A 257 -22.33 -24.78 22.64
CA GLN A 257 -21.95 -25.84 21.65
C GLN A 257 -20.43 -25.81 21.40
N LEU A 258 -19.85 -24.62 21.23
CA LEU A 258 -18.38 -24.41 21.11
C LEU A 258 -17.66 -24.76 22.41
N LYS A 259 -18.38 -24.85 23.53
CA LYS A 259 -17.82 -25.23 24.86
C LYS A 259 -17.00 -24.05 25.38
N LEU A 260 -17.47 -22.84 25.09
CA LEU A 260 -16.86 -21.57 25.54
C LEU A 260 -17.62 -21.07 26.76
N MET A 261 -16.95 -20.31 27.62
CA MET A 261 -17.55 -19.79 28.87
C MET A 261 -16.80 -18.53 29.33
N ASP A 262 -17.19 -17.96 30.48
CA ASP A 262 -16.59 -16.80 31.18
C ASP A 262 -16.76 -15.54 30.32
N TYR A 263 -17.82 -15.50 29.48
CA TYR A 263 -18.18 -14.32 28.66
C TYR A 263 -19.09 -13.40 29.47
N SER A 264 -19.17 -12.16 29.01
CA SER A 264 -19.84 -11.05 29.72
C SER A 264 -20.94 -10.45 28.80
N LEU A 265 -22.03 -9.94 29.37
CA LEU A 265 -22.82 -8.90 28.70
C LEU A 265 -22.20 -7.57 29.14
N LEU A 266 -21.80 -6.75 28.17
CA LEU A 266 -21.35 -5.37 28.41
C LEU A 266 -22.57 -4.48 28.23
N VAL A 267 -22.89 -3.65 29.22
CA VAL A 267 -24.06 -2.74 29.15
C VAL A 267 -23.49 -1.33 29.31
N GLY A 268 -23.66 -0.47 28.31
CA GLY A 268 -23.37 0.97 28.42
C GLY A 268 -24.69 1.73 28.46
N ILE A 269 -24.82 2.71 29.37
CA ILE A 269 -26.05 3.53 29.50
C ILE A 269 -25.72 4.97 29.10
N HIS A 270 -26.42 5.50 28.11
CA HIS A 270 -26.32 6.90 27.66
C HIS A 270 -27.49 7.66 28.28
N ASP A 271 -27.20 8.66 29.12
CA ASP A 271 -28.20 9.58 29.72
C ASP A 271 -28.21 10.88 28.92
N VAL A 272 -29.27 11.07 28.16
CA VAL A 272 -29.46 12.17 27.18
C VAL A 272 -29.29 13.49 27.93
N GLU A 273 -29.88 13.59 29.13
CA GLU A 273 -29.96 14.87 29.87
C GLU A 273 -28.59 15.17 30.49
N ARG A 274 -27.83 14.15 30.90
CA ARG A 274 -26.48 14.40 31.46
C ARG A 274 -25.53 14.82 30.34
N ALA A 275 -25.66 14.25 29.14
CA ALA A 275 -24.83 14.62 27.97
C ALA A 275 -25.15 16.05 27.48
N GLU A 276 -26.37 16.55 27.72
CA GLU A 276 -26.82 17.93 27.38
C GLU A 276 -26.09 18.95 28.27
N GLN A 277 -26.15 18.80 29.59
CA GLN A 277 -25.50 19.75 30.53
C GLN A 277 -23.97 19.60 30.45
N GLU A 278 -23.44 18.38 30.29
CA GLU A 278 -21.98 18.15 30.07
C GLU A 278 -21.49 18.97 28.85
N GLU A 279 -22.34 19.23 27.85
CA GLU A 279 -21.95 19.87 26.56
C GLU A 279 -22.31 21.36 26.53
N VAL A 280 -23.31 21.80 27.32
CA VAL A 280 -23.86 23.19 27.27
C VAL A 280 -22.85 24.17 27.89
N GLU A 281 -21.76 23.67 28.51
CA GLU A 281 -20.77 24.48 29.29
C GLU A 281 -19.65 24.98 28.37
N CYS A 282 -19.19 24.11 27.44
CA CYS A 282 -18.09 24.34 26.45
C CYS A 282 -17.41 25.70 26.70
N PRO A 315 -29.31 15.60 10.49
CA PRO A 315 -29.06 16.17 11.81
C PRO A 315 -29.64 15.25 12.90
N LEU A 316 -28.81 14.71 13.80
CA LEU A 316 -29.28 13.72 14.80
C LEU A 316 -29.64 14.40 16.12
N ALA A 317 -30.90 14.19 16.53
CA ALA A 317 -31.51 14.75 17.76
C ALA A 317 -30.87 14.10 18.98
N PRO A 318 -31.02 14.70 20.18
CA PRO A 318 -30.55 14.07 21.42
C PRO A 318 -31.21 12.70 21.63
N GLY A 319 -30.46 11.69 22.07
CA GLY A 319 -30.97 10.35 22.37
C GLY A 319 -31.26 9.53 21.12
N GLU A 320 -30.94 10.08 19.94
CA GLU A 320 -31.02 9.38 18.63
C GLU A 320 -29.63 8.88 18.25
N PHE A 321 -29.57 7.80 17.48
CA PHE A 321 -28.33 7.20 16.95
C PHE A 321 -28.61 6.57 15.59
N ASP A 322 -27.58 6.34 14.79
CA ASP A 322 -27.70 5.60 13.51
C ASP A 322 -27.62 4.10 13.81
N PRO A 323 -28.71 3.34 13.65
CA PRO A 323 -28.64 1.93 13.96
C PRO A 323 -27.80 1.14 12.95
N ASN A 324 -27.31 1.73 11.87
CA ASN A 324 -26.38 0.98 10.96
C ASN A 324 -24.93 1.25 11.35
N ILE A 325 -24.66 2.12 12.32
CA ILE A 325 -23.30 2.35 12.89
C ILE A 325 -23.29 1.88 14.34
N ASP A 326 -24.20 2.42 15.16
CA ASP A 326 -24.31 2.04 16.59
C ASP A 326 -25.24 0.85 16.69
N VAL A 327 -24.79 -0.33 16.25
CA VAL A 327 -25.68 -1.49 15.90
C VAL A 327 -26.33 -2.12 17.13
N TYR A 328 -25.78 -1.87 18.32
CA TYR A 328 -26.19 -2.51 19.59
C TYR A 328 -27.13 -1.60 20.37
N GLY A 329 -27.50 -0.47 19.75
CA GLY A 329 -28.35 0.55 20.40
C GLY A 329 -29.76 0.04 20.63
N ILE A 330 -30.35 0.41 21.76
CA ILE A 330 -31.80 0.20 22.04
C ILE A 330 -32.34 1.41 22.81
N LYS A 331 -33.35 2.08 22.26
CA LYS A 331 -34.02 3.22 22.94
C LYS A 331 -34.75 2.72 24.20
N CYS A 332 -34.83 3.58 25.22
CA CYS A 332 -35.67 3.33 26.42
C CYS A 332 -37.16 3.39 26.02
N HIS A 333 -38.04 2.81 26.83
CA HIS A 333 -39.49 2.92 26.55
C HIS A 333 -39.98 4.28 27.04
N GLU A 334 -41.13 4.66 26.52
CA GLU A 334 -41.93 5.87 26.85
C GLU A 334 -41.93 6.20 28.36
N ASN A 335 -41.87 5.21 29.25
CA ASN A 335 -42.23 5.39 30.70
C ASN A 335 -40.97 5.29 31.54
N SER A 336 -39.80 5.23 30.91
CA SER A 336 -38.49 5.35 31.60
C SER A 336 -38.49 6.63 32.42
N PRO A 337 -38.00 6.58 33.69
CA PRO A 337 -37.93 7.78 34.51
C PRO A 337 -36.95 8.78 33.84
N ARG A 338 -35.96 8.32 33.06
CA ARG A 338 -35.01 9.26 32.41
C ARG A 338 -34.77 8.80 30.97
N LYS A 339 -34.52 9.74 30.04
CA LYS A 339 -34.27 9.40 28.62
C LYS A 339 -32.86 8.82 28.56
N GLU A 340 -32.80 7.53 28.27
CA GLU A 340 -31.56 6.74 28.24
C GLU A 340 -31.54 5.98 26.92
N VAL A 341 -30.34 5.62 26.47
CA VAL A 341 -30.13 4.69 25.34
C VAL A 341 -29.18 3.65 25.91
N TYR A 342 -29.46 2.38 25.65
CA TYR A 342 -28.69 1.23 26.13
C TYR A 342 -27.90 0.64 24.96
N PHE A 343 -26.66 0.25 25.23
CA PHE A 343 -25.76 -0.41 24.27
C PHE A 343 -25.30 -1.71 24.96
N MET A 344 -25.71 -2.85 24.41
CA MET A 344 -25.60 -4.15 25.13
C MET A 344 -25.24 -5.20 24.11
N ALA A 345 -24.12 -5.89 24.35
CA ALA A 345 -23.72 -7.05 23.53
C ALA A 345 -22.79 -7.94 24.34
N ILE A 346 -22.38 -9.04 23.74
CA ILE A 346 -21.55 -10.09 24.39
C ILE A 346 -20.10 -9.75 24.05
N ILE A 347 -19.22 -9.81 25.04
CA ILE A 347 -17.74 -9.67 24.85
C ILE A 347 -17.05 -10.82 25.57
N ILE A 349 -15.32 -13.91 24.70
N ILE A 349 -15.41 -13.93 24.72
CA ILE A 349 -15.97 -15.18 24.42
CA ILE A 349 -16.03 -15.24 24.60
C ILE A 349 -14.99 -16.33 24.62
C ILE A 349 -14.99 -16.37 24.62
N LEU A 350 -13.69 -16.06 24.50
CA LEU A 350 -12.67 -17.06 24.10
C LEU A 350 -11.98 -17.70 25.31
N THR A 351 -12.77 -18.33 26.19
CA THR A 351 -12.28 -19.31 27.19
C THR A 351 -12.92 -20.68 26.89
N HIS A 352 -12.10 -21.66 26.51
CA HIS A 352 -12.52 -23.06 26.20
C HIS A 352 -12.51 -23.85 27.50
N TYR A 353 -13.54 -24.65 27.74
CA TYR A 353 -13.80 -25.36 29.02
C TYR A 353 -12.54 -26.09 29.51
N VAL A 377 -17.90 -24.29 37.06
CA VAL A 377 -19.08 -24.56 36.17
C VAL A 377 -18.63 -25.05 34.80
N ASN A 378 -19.54 -25.73 34.08
CA ASN A 378 -19.36 -26.21 32.69
C ASN A 378 -20.12 -25.24 31.77
N PRO A 379 -19.87 -25.28 30.45
CA PRO A 379 -20.48 -24.32 29.53
C PRO A 379 -22.01 -24.37 29.50
N GLU A 380 -22.61 -25.54 29.67
CA GLU A 380 -24.09 -25.65 29.76
C GLU A 380 -24.52 -24.75 30.91
N GLN A 381 -24.01 -25.06 32.11
CA GLN A 381 -24.35 -24.38 33.38
C GLN A 381 -24.05 -22.90 33.18
N TYR A 382 -22.85 -22.55 32.72
CA TYR A 382 -22.48 -21.12 32.54
C TYR A 382 -23.56 -20.45 31.70
N SER A 383 -23.97 -21.09 30.60
CA SER A 383 -24.87 -20.50 29.56
C SER A 383 -26.24 -20.27 30.18
N LYS A 384 -26.68 -21.15 31.08
CA LYS A 384 -28.07 -21.10 31.59
C LYS A 384 -28.12 -20.04 32.71
N ARG A 385 -27.09 -19.97 33.53
CA ARG A 385 -26.99 -18.99 34.58
C ARG A 385 -26.91 -17.61 34.02
N PHE A 386 -26.10 -17.43 33.00
CA PHE A 386 -25.98 -16.16 32.26
C PHE A 386 -27.37 -15.72 31.80
N LEU A 387 -28.04 -16.55 31.01
CA LEU A 387 -29.37 -16.19 30.42
C LEU A 387 -30.37 -15.89 31.54
N ASP A 388 -30.27 -16.65 32.63
CA ASP A 388 -31.19 -16.50 33.77
C ASP A 388 -30.91 -15.14 34.45
N PHE A 389 -29.65 -14.73 34.60
CA PHE A 389 -29.31 -13.46 35.27
C PHE A 389 -29.73 -12.31 34.37
N ILE A 390 -29.35 -12.35 33.11
CA ILE A 390 -29.70 -11.26 32.17
C ILE A 390 -31.22 -11.14 32.10
N GLY A 391 -31.96 -12.24 31.97
CA GLY A 391 -33.45 -12.19 31.88
C GLY A 391 -34.11 -11.53 33.10
N HIS A 392 -33.56 -11.76 34.30
CA HIS A 392 -34.05 -11.23 35.60
C HIS A 392 -33.77 -9.72 35.76
N ILE A 393 -32.96 -9.11 34.88
CA ILE A 393 -32.64 -7.64 34.93
C ILE A 393 -33.20 -6.93 33.68
N LEU A 394 -33.50 -7.68 32.60
CA LEU A 394 -34.17 -7.29 31.33
C LEU A 394 -33.12 -6.92 30.25
N LEU B 18 -7.07 -4.52 -10.85
CA LEU B 18 -5.55 -4.68 -10.88
C LEU B 18 -5.15 -5.87 -10.00
N TYR B 19 -4.51 -6.87 -10.59
CA TYR B 19 -4.07 -8.09 -9.86
C TYR B 19 -2.56 -8.33 -10.07
N PHE B 20 -1.89 -7.53 -10.90
CA PHE B 20 -0.44 -7.66 -11.22
C PHE B 20 -0.17 -9.07 -11.73
N GLN B 21 -1.13 -9.68 -12.39
CA GLN B 21 -0.95 -10.99 -13.06
C GLN B 21 0.00 -10.85 -14.26
N SER B 22 0.84 -11.89 -14.39
CA SER B 22 1.75 -12.12 -15.54
C SER B 22 2.15 -13.59 -15.63
N MET B 23 2.49 -14.03 -16.84
CA MET B 23 3.10 -15.35 -17.09
C MET B 23 4.50 -15.35 -16.46
N ASP B 24 5.11 -14.15 -16.31
CA ASP B 24 6.49 -13.97 -15.79
C ASP B 24 6.42 -13.48 -14.34
N PRO B 25 6.79 -14.34 -13.35
CA PRO B 25 6.63 -13.97 -11.94
C PRO B 25 7.47 -12.75 -11.53
N LEU B 26 8.57 -12.50 -12.24
CA LEU B 26 9.43 -11.30 -12.03
C LEU B 26 8.67 -10.03 -12.41
N LEU B 27 7.82 -10.05 -13.44
CA LEU B 27 7.00 -8.86 -13.76
C LEU B 27 5.94 -8.60 -12.71
N SER B 28 5.40 -9.66 -12.10
CA SER B 28 4.32 -9.51 -11.10
C SER B 28 4.94 -8.81 -9.90
N VAL B 29 6.07 -9.32 -9.43
CA VAL B 29 6.77 -8.73 -8.26
C VAL B 29 7.14 -7.27 -8.59
N LEU B 30 7.68 -6.99 -9.77
CA LEU B 30 8.03 -5.60 -10.18
C LEU B 30 6.78 -4.72 -10.12
N MET B 31 5.69 -5.16 -10.71
CA MET B 31 4.42 -4.39 -10.67
C MET B 31 3.93 -4.20 -9.22
N TRP B 32 3.95 -5.28 -8.43
CA TRP B 32 3.62 -5.26 -6.99
C TRP B 32 4.55 -4.25 -6.31
N GLY B 33 5.85 -4.31 -6.64
CA GLY B 33 6.91 -3.54 -5.96
C GLY B 33 6.75 -2.06 -6.22
N VAL B 34 6.52 -1.73 -7.48
CA VAL B 34 6.38 -0.30 -7.87
C VAL B 34 5.12 0.20 -7.21
N ASN B 35 4.07 -0.61 -7.22
CA ASN B 35 2.77 -0.21 -6.61
C ASN B 35 2.96 0.03 -5.10
N HIS B 36 3.69 -0.84 -4.43
CA HIS B 36 4.08 -0.71 -3.01
C HIS B 36 4.94 0.55 -2.80
N SER B 37 6.01 0.69 -3.58
CA SER B 37 7.02 1.77 -3.43
C SER B 37 6.32 3.12 -3.42
N ILE B 38 5.41 3.33 -4.39
CA ILE B 38 4.77 4.65 -4.59
C ILE B 38 3.69 4.87 -3.54
N ASN B 39 2.95 3.83 -3.14
CA ASN B 39 1.97 3.96 -2.03
C ASN B 39 2.72 4.34 -0.73
N GLU B 40 3.86 3.72 -0.50
CA GLU B 40 4.75 3.98 0.68
C GLU B 40 5.12 5.47 0.66
N LEU B 41 5.66 5.97 -0.45
CA LEU B 41 6.15 7.36 -0.53
C LEU B 41 4.99 8.35 -0.37
N SER B 42 3.76 7.98 -0.60
CA SER B 42 2.61 8.89 -0.32
C SER B 42 2.45 9.04 1.21
N HIS B 43 3.05 8.14 2.01
CA HIS B 43 3.03 8.24 3.51
C HIS B 43 4.36 8.81 4.04
N VAL B 44 5.13 9.50 3.20
CA VAL B 44 6.48 10.02 3.55
C VAL B 44 6.57 11.47 3.08
N GLN B 45 7.11 12.35 3.93
CA GLN B 45 7.15 13.81 3.65
C GLN B 45 8.06 14.09 2.46
N ILE B 46 7.59 14.93 1.53
CA ILE B 46 8.43 15.57 0.47
C ILE B 46 9.41 16.52 1.17
N PRO B 47 10.73 16.20 1.27
CA PRO B 47 11.68 17.03 2.00
C PRO B 47 11.96 18.33 1.24
N VAL B 48 12.48 19.34 1.94
CA VAL B 48 12.77 20.66 1.33
C VAL B 48 13.98 20.47 0.37
N MET B 49 14.94 19.61 0.75
CA MET B 49 16.04 19.13 -0.14
C MET B 49 16.51 17.75 0.30
N LEU B 50 17.08 17.00 -0.66
CA LEU B 50 17.73 15.70 -0.40
C LEU B 50 18.95 15.91 0.48
N MET B 51 19.36 14.87 1.21
CA MET B 51 20.53 14.93 2.11
C MET B 51 21.39 13.69 1.85
N PRO B 52 22.70 13.70 2.20
CA PRO B 52 23.62 12.61 1.84
C PRO B 52 23.13 11.17 2.13
N ASP B 53 22.47 10.97 3.27
CA ASP B 53 21.94 9.65 3.70
C ASP B 53 20.92 9.18 2.68
N ASP B 54 20.24 10.09 1.98
CA ASP B 54 19.23 9.67 0.98
C ASP B 54 19.90 8.95 -0.21
N PHE B 55 21.21 9.10 -0.40
CA PHE B 55 21.94 8.45 -1.50
C PHE B 55 22.52 7.12 -1.04
N LYS B 56 22.28 6.70 0.22
CA LYS B 56 22.71 5.38 0.75
C LYS B 56 21.52 4.59 1.30
N ALA B 57 20.31 5.10 1.14
CA ALA B 57 19.10 4.56 1.77
C ALA B 57 18.47 3.47 0.90
N TYR B 58 17.62 2.62 1.45
CA TYR B 58 16.85 1.62 0.67
C TYR B 58 15.68 1.11 1.50
N SER B 59 14.70 0.48 0.87
CA SER B 59 13.60 -0.20 1.59
C SER B 59 13.48 -1.60 1.04
N LYS B 60 13.55 -2.58 1.92
CA LYS B 60 13.32 -4.01 1.60
C LYS B 60 11.99 -4.41 2.22
N ILE B 61 11.18 -5.12 1.45
CA ILE B 61 9.96 -5.84 1.92
C ILE B 61 10.07 -7.30 1.49
N LYS B 62 9.98 -8.22 2.46
CA LYS B 62 9.89 -9.67 2.18
C LYS B 62 8.47 -10.17 2.47
N VAL B 63 7.84 -10.81 1.50
CA VAL B 63 6.42 -11.27 1.58
C VAL B 63 6.41 -12.79 1.60
N ASP B 64 5.65 -13.37 2.53
CA ASP B 64 5.47 -14.83 2.64
C ASP B 64 3.99 -15.06 2.82
N ASN B 65 3.31 -15.58 1.80
CA ASN B 65 1.85 -15.86 1.85
C ASN B 65 1.67 -17.39 1.91
N HIS B 66 0.64 -17.78 2.63
CA HIS B 66 0.21 -19.16 2.86
C HIS B 66 -1.28 -19.21 2.52
N LEU B 67 -1.64 -19.82 1.39
CA LEU B 67 -3.03 -20.07 0.95
C LEU B 67 -3.77 -18.73 0.82
N PHE B 68 -3.06 -17.72 0.40
CA PHE B 68 -3.58 -16.36 0.17
C PHE B 68 -2.99 -15.81 -1.13
N ASN B 69 -3.86 -15.38 -2.04
CA ASN B 69 -3.53 -14.74 -3.35
C ASN B 69 -2.57 -15.64 -4.15
N LYS B 70 -2.85 -16.93 -4.10
CA LYS B 70 -1.96 -18.02 -4.54
C LYS B 70 -2.01 -18.11 -6.07
N GLU B 71 -3.06 -17.62 -6.72
CA GLU B 71 -3.26 -17.82 -8.18
C GLU B 71 -2.60 -16.68 -8.93
N ASN B 72 -2.85 -15.44 -8.54
CA ASN B 72 -2.32 -14.23 -9.22
C ASN B 72 -0.82 -14.02 -8.97
N MET B 73 -0.38 -14.11 -7.71
CA MET B 73 0.96 -13.68 -7.22
C MET B 73 1.72 -14.89 -6.69
N PRO B 74 3.06 -14.90 -6.81
CA PRO B 74 3.89 -15.87 -6.11
C PRO B 74 3.77 -15.63 -4.60
N SER B 75 3.96 -16.68 -3.83
CA SER B 75 3.68 -16.75 -2.37
C SER B 75 4.91 -16.22 -1.62
N HIS B 76 6.09 -16.25 -2.26
CA HIS B 76 7.37 -15.88 -1.60
C HIS B 76 8.19 -14.96 -2.49
N PHE B 77 8.39 -13.72 -2.06
CA PHE B 77 9.23 -12.79 -2.85
C PHE B 77 9.77 -11.67 -1.95
N LYS B 78 10.81 -11.04 -2.48
CA LYS B 78 11.45 -9.83 -1.91
C LYS B 78 11.48 -8.76 -3.01
N PHE B 79 11.27 -7.53 -2.59
CA PHE B 79 11.38 -6.31 -3.37
C PHE B 79 12.18 -5.29 -2.58
N LYS B 80 13.25 -4.75 -3.18
CA LYS B 80 14.10 -3.69 -2.58
C LYS B 80 14.12 -2.47 -3.51
N GLU B 81 13.83 -1.26 -2.97
CA GLU B 81 14.01 -0.02 -3.76
C GLU B 81 15.27 0.69 -3.26
N TYR B 82 16.17 1.04 -4.19
CA TYR B 82 17.40 1.82 -3.90
C TYR B 82 17.02 3.31 -3.86
N CYS B 83 17.57 4.03 -2.89
CA CYS B 83 17.51 5.49 -2.74
C CYS B 83 16.14 6.02 -3.12
N PRO B 84 15.04 5.60 -2.43
CA PRO B 84 13.68 6.00 -2.80
C PRO B 84 13.48 7.52 -2.82
N MET B 85 14.09 8.24 -1.88
CA MET B 85 13.86 9.70 -1.79
C MET B 85 14.46 10.36 -3.02
N VAL B 86 15.57 9.83 -3.52
CA VAL B 86 16.34 10.43 -4.65
C VAL B 86 15.57 10.21 -5.95
N PHE B 87 15.10 8.99 -6.16
CA PHE B 87 14.37 8.66 -7.42
C PHE B 87 13.03 9.40 -7.43
N ARG B 88 12.35 9.59 -6.29
CA ARG B 88 11.10 10.38 -6.29
C ARG B 88 11.44 11.82 -6.69
N ASN B 89 12.56 12.34 -6.20
CA ASN B 89 12.94 13.74 -6.52
C ASN B 89 13.27 13.83 -8.03
N LEU B 90 13.90 12.82 -8.62
CA LEU B 90 14.25 12.86 -10.06
C LEU B 90 12.98 12.81 -10.92
N ARG B 91 12.03 11.98 -10.52
CA ARG B 91 10.75 11.90 -11.25
C ARG B 91 10.15 13.32 -11.31
N GLU B 92 10.08 14.02 -10.19
CA GLU B 92 9.43 15.36 -10.09
C GLU B 92 10.24 16.33 -10.97
N ARG B 93 11.56 16.22 -10.94
CA ARG B 93 12.47 17.10 -11.71
C ARG B 93 12.36 16.75 -13.19
N PHE B 94 11.86 15.57 -13.56
CA PHE B 94 11.66 15.19 -14.98
C PHE B 94 10.20 15.39 -15.41
N GLY B 95 9.36 16.05 -14.58
CA GLY B 95 7.98 16.41 -14.95
C GLY B 95 7.04 15.22 -14.86
N ILE B 96 7.35 14.24 -13.99
CA ILE B 96 6.63 12.95 -13.84
C ILE B 96 5.95 12.90 -12.47
N ASP B 97 4.61 12.89 -12.48
CA ASP B 97 3.78 12.64 -11.29
C ASP B 97 3.91 11.15 -10.89
N ASP B 98 4.02 10.87 -9.58
CA ASP B 98 4.18 9.51 -9.01
C ASP B 98 2.93 8.68 -9.32
N GLN B 99 1.72 9.25 -9.26
CA GLN B 99 0.52 8.42 -9.57
C GLN B 99 0.58 7.96 -11.03
N ASP B 100 0.82 8.88 -11.97
CA ASP B 100 0.94 8.54 -13.42
C ASP B 100 2.05 7.49 -13.56
N PHE B 101 3.12 7.62 -12.78
CA PHE B 101 4.26 6.67 -12.86
C PHE B 101 3.76 5.28 -12.44
N GLN B 102 3.16 5.21 -11.25
CA GLN B 102 2.57 3.99 -10.67
C GLN B 102 1.62 3.37 -11.71
N ASN B 103 0.71 4.15 -12.29
CA ASN B 103 -0.24 3.71 -13.35
C ASN B 103 0.51 3.13 -14.56
N SER B 104 1.53 3.81 -15.08
CA SER B 104 2.26 3.36 -16.30
C SER B 104 2.86 1.97 -16.06
N LEU B 105 3.21 1.64 -14.82
CA LEU B 105 3.99 0.42 -14.54
C LEU B 105 3.14 -0.66 -13.90
N THR B 106 1.83 -0.46 -13.77
CA THR B 106 0.95 -1.20 -12.83
C THR B 106 -0.38 -1.56 -13.51
N ARG B 107 -1.04 -0.64 -14.22
CA ARG B 107 -2.42 -0.82 -14.71
C ARG B 107 -2.46 -2.05 -15.61
N SER B 108 -1.32 -2.39 -16.20
CA SER B 108 -1.20 -3.53 -17.14
C SER B 108 0.29 -3.88 -17.28
N ALA B 109 0.64 -5.15 -17.56
CA ALA B 109 2.05 -5.63 -17.55
C ALA B 109 2.90 -4.85 -18.58
N PRO B 110 4.17 -4.53 -18.28
CA PRO B 110 5.15 -4.16 -19.30
C PRO B 110 5.35 -5.26 -20.33
N LEU B 111 5.49 -4.88 -21.61
CA LEU B 111 5.62 -5.83 -22.76
C LEU B 111 7.11 -6.03 -23.06
N PRO B 112 7.58 -7.25 -23.30
CA PRO B 112 8.99 -7.45 -23.70
C PRO B 112 9.19 -7.06 -25.18
N ASN B 113 10.42 -6.74 -25.58
CA ASN B 113 10.73 -6.14 -26.91
C ASN B 113 10.47 -7.11 -28.08
N PHE B 123 15.16 -5.84 -22.99
CA PHE B 123 14.36 -4.85 -22.20
C PHE B 123 12.86 -5.04 -22.35
N HIS B 124 12.10 -4.26 -21.58
CA HIS B 124 10.61 -4.22 -21.56
C HIS B 124 10.19 -2.76 -21.71
N THR B 125 8.98 -2.52 -22.22
CA THR B 125 8.33 -1.20 -22.33
C THR B 125 7.03 -1.16 -21.50
N SER B 126 6.82 -0.15 -20.70
CA SER B 126 5.54 0.02 -19.98
C SER B 126 4.40 -0.07 -21.02
N TYR B 127 3.21 -0.45 -20.58
CA TYR B 127 2.07 -0.83 -21.47
C TYR B 127 1.69 0.40 -22.31
N ASP B 128 1.88 1.60 -21.77
CA ASP B 128 1.54 2.91 -22.40
C ASP B 128 2.77 3.53 -23.13
N LYS B 129 3.91 2.81 -23.19
CA LYS B 129 5.11 3.09 -24.02
C LYS B 129 5.87 4.30 -23.50
N ARG B 130 5.70 4.64 -22.21
CA ARG B 130 6.27 5.88 -21.62
C ARG B 130 7.65 5.59 -21.05
N TYR B 131 7.87 4.36 -20.60
CA TYR B 131 9.05 3.95 -19.79
C TYR B 131 9.67 2.67 -20.37
N ILE B 132 10.99 2.59 -20.20
CA ILE B 132 11.83 1.39 -20.44
C ILE B 132 12.16 0.78 -19.08
N ILE B 133 12.12 -0.55 -19.01
CA ILE B 133 12.48 -1.39 -17.84
C ILE B 133 13.56 -2.33 -18.32
N LYS B 134 14.69 -2.37 -17.63
CA LYS B 134 15.88 -3.13 -18.04
C LYS B 134 16.53 -3.78 -16.83
N THR B 135 16.89 -5.05 -16.98
CA THR B 135 17.63 -5.86 -16.02
C THR B 135 19.09 -5.44 -16.07
N ILE B 136 19.67 -5.11 -14.92
CA ILE B 136 21.08 -4.65 -14.81
C ILE B 136 21.80 -5.55 -13.82
N THR B 137 23.11 -5.37 -13.69
CA THR B 137 23.95 -6.22 -12.82
C THR B 137 24.12 -5.49 -11.49
N SER B 138 24.67 -6.17 -10.49
CA SER B 138 24.94 -5.54 -9.17
C SER B 138 26.10 -4.55 -9.34
N GLU B 139 27.01 -4.79 -10.29
CA GLU B 139 28.09 -3.83 -10.70
C GLU B 139 27.41 -2.54 -11.19
N ASP B 140 26.43 -2.66 -12.08
CA ASP B 140 25.62 -1.51 -12.55
C ASP B 140 25.02 -0.83 -11.29
N VAL B 141 24.47 -1.59 -10.37
CA VAL B 141 23.83 -0.99 -9.15
C VAL B 141 24.91 -0.24 -8.37
N ALA B 142 26.10 -0.81 -8.22
CA ALA B 142 27.16 -0.21 -7.40
C ALA B 142 27.63 1.10 -8.08
N GLU B 143 27.71 1.08 -9.40
CA GLU B 143 28.21 2.20 -10.25
C GLU B 143 27.16 3.32 -10.26
N MET B 144 25.85 3.00 -10.15
CA MET B 144 24.78 4.02 -10.05
C MET B 144 24.90 4.79 -8.71
N HIS B 145 25.13 4.09 -7.60
CA HIS B 145 25.38 4.73 -6.30
C HIS B 145 26.63 5.62 -6.43
N ASN B 146 27.67 5.13 -7.09
CA ASN B 146 28.94 5.89 -7.26
C ASN B 146 28.62 7.21 -7.98
N ILE B 147 27.70 7.24 -8.94
CA ILE B 147 27.46 8.49 -9.74
C ILE B 147 26.23 9.26 -9.27
N LEU B 148 25.46 8.76 -8.31
CA LEU B 148 24.08 9.25 -8.14
C LEU B 148 24.10 10.69 -7.59
N LYS B 149 24.94 11.03 -6.62
CA LYS B 149 25.06 12.42 -6.13
C LYS B 149 25.40 13.38 -7.27
N LYS B 150 26.44 13.09 -8.05
CA LYS B 150 26.80 14.02 -9.15
C LYS B 150 25.66 14.07 -10.18
N TYR B 151 25.08 12.94 -10.53
CA TYR B 151 23.96 12.89 -11.51
C TYR B 151 22.82 13.80 -11.03
N HIS B 152 22.35 13.58 -9.81
CA HIS B 152 21.24 14.39 -9.25
C HIS B 152 21.58 15.89 -9.36
N GLN B 153 22.75 16.33 -8.89
CA GLN B 153 23.16 17.76 -8.84
C GLN B 153 23.27 18.32 -10.26
N TYR B 154 23.66 17.51 -11.24
CA TYR B 154 23.64 17.87 -12.67
C TYR B 154 22.20 18.13 -13.13
N ILE B 155 21.28 17.18 -12.89
CA ILE B 155 19.83 17.37 -13.14
C ILE B 155 19.31 18.63 -12.43
N VAL B 156 19.77 18.96 -11.20
CA VAL B 156 19.36 20.24 -10.55
C VAL B 156 19.80 21.42 -11.42
N GLU B 157 21.06 21.41 -11.86
CA GLU B 157 21.69 22.60 -12.47
C GLU B 157 21.16 22.81 -13.90
N CYS B 158 20.77 21.76 -14.64
CA CYS B 158 20.22 21.88 -16.01
C CYS B 158 18.67 21.93 -15.97
N HIS B 159 18.08 21.95 -14.76
CA HIS B 159 16.61 22.12 -14.51
C HIS B 159 15.84 21.00 -15.24
N GLY B 160 16.39 19.80 -15.27
CA GLY B 160 15.75 18.66 -15.97
C GLY B 160 16.01 18.65 -17.47
N ILE B 161 16.61 19.70 -18.04
CA ILE B 161 16.83 19.88 -19.49
C ILE B 161 18.17 19.23 -19.85
N THR B 162 18.10 17.99 -20.36
CA THR B 162 19.26 17.13 -20.71
C THR B 162 18.79 16.03 -21.66
N LEU B 163 19.75 15.42 -22.37
CA LEU B 163 19.58 14.24 -23.25
C LEU B 163 20.18 13.04 -22.55
N LEU B 164 20.64 13.18 -21.30
CA LEU B 164 21.05 12.02 -20.47
C LEU B 164 19.81 11.15 -20.24
N PRO B 165 20.04 9.83 -20.03
CA PRO B 165 19.03 8.96 -19.47
C PRO B 165 18.40 9.54 -18.20
N GLN B 166 17.08 9.56 -18.16
CA GLN B 166 16.28 9.83 -16.96
C GLN B 166 16.15 8.51 -16.16
N PHE B 167 16.91 8.38 -15.07
CA PHE B 167 16.83 7.23 -14.13
C PHE B 167 15.67 7.51 -13.17
N LEU B 168 14.63 6.68 -13.23
CA LEU B 168 13.32 7.00 -12.60
C LEU B 168 13.04 6.10 -11.42
N GLY B 169 13.77 5.00 -11.31
CA GLY B 169 13.69 4.07 -10.17
C GLY B 169 14.65 2.90 -10.39
N MET B 170 15.14 2.30 -9.30
CA MET B 170 16.12 1.21 -9.34
C MET B 170 15.76 0.24 -8.21
N TYR B 171 15.67 -1.06 -8.54
CA TYR B 171 15.11 -2.09 -7.63
C TYR B 171 15.86 -3.39 -7.78
N ARG B 172 15.67 -4.22 -6.76
CA ARG B 172 16.10 -5.65 -6.71
C ARG B 172 14.90 -6.51 -6.32
N LEU B 173 14.64 -7.54 -7.14
CA LEU B 173 13.53 -8.51 -7.05
C LEU B 173 14.10 -9.91 -6.79
N ASN B 174 13.54 -10.66 -5.84
N ASN B 174 13.52 -10.65 -5.85
CA ASN B 174 13.80 -12.11 -5.62
CA ASN B 174 13.81 -12.08 -5.56
C ASN B 174 12.46 -12.85 -5.69
C ASN B 174 12.47 -12.84 -5.67
N VAL B 175 12.40 -13.95 -6.42
CA VAL B 175 11.20 -14.85 -6.47
C VAL B 175 11.68 -16.21 -6.98
N ASP B 176 11.41 -17.26 -6.23
CA ASP B 176 11.77 -18.64 -6.67
C ASP B 176 13.29 -18.72 -6.70
N GLY B 177 13.95 -18.12 -5.70
CA GLY B 177 15.42 -18.00 -5.56
C GLY B 177 16.10 -17.34 -6.76
N VAL B 178 15.39 -16.52 -7.56
CA VAL B 178 15.97 -15.82 -8.75
C VAL B 178 16.03 -14.32 -8.43
N GLU B 179 17.24 -13.74 -8.49
CA GLU B 179 17.51 -12.34 -8.06
C GLU B 179 17.90 -11.48 -9.27
N ILE B 180 17.13 -10.45 -9.60
CA ILE B 180 17.51 -9.49 -10.66
C ILE B 180 17.48 -8.06 -10.10
N TYR B 181 18.31 -7.20 -10.69
CA TYR B 181 18.34 -5.75 -10.43
C TYR B 181 17.65 -5.08 -11.61
N VAL B 182 16.82 -4.07 -11.44
CA VAL B 182 16.17 -3.45 -12.62
C VAL B 182 16.21 -1.94 -12.46
N ILE B 183 16.37 -1.27 -13.59
CA ILE B 183 16.37 0.22 -13.70
C ILE B 183 15.16 0.57 -14.56
N VAL B 184 14.62 1.74 -14.37
CA VAL B 184 13.51 2.29 -15.20
C VAL B 184 13.96 3.63 -15.77
N THR B 185 13.91 3.79 -17.09
CA THR B 185 14.29 5.07 -17.76
C THR B 185 13.10 5.52 -18.60
N ARG B 186 13.12 6.78 -19.02
CA ARG B 186 12.13 7.26 -19.98
C ARG B 186 12.49 6.71 -21.37
N ASN B 187 11.49 6.24 -22.10
CA ASN B 187 11.54 5.97 -23.55
C ASN B 187 12.06 7.22 -24.28
N VAL B 188 13.16 7.09 -25.01
CA VAL B 188 13.58 8.14 -26.00
C VAL B 188 12.44 8.38 -27.03
N PHE B 189 11.79 7.30 -27.51
CA PHE B 189 10.75 7.38 -28.56
C PHE B 189 9.40 7.78 -27.97
N SER B 190 8.48 8.12 -28.88
CA SER B 190 7.13 8.68 -28.59
C SER B 190 6.24 7.57 -28.02
N HIS B 191 5.26 7.89 -27.19
CA HIS B 191 4.24 6.92 -26.69
C HIS B 191 3.17 6.61 -27.77
N ARG B 192 3.10 7.38 -28.87
CA ARG B 192 2.05 7.24 -29.92
C ARG B 192 2.69 7.09 -31.31
N LEU B 193 3.41 8.10 -31.81
CA LEU B 193 4.01 8.11 -33.18
C LEU B 193 4.95 6.90 -33.31
N SER B 194 4.80 6.11 -34.37
CA SER B 194 5.65 4.93 -34.68
C SER B 194 7.04 5.41 -35.11
N VAL B 195 8.06 4.59 -34.88
CA VAL B 195 9.41 4.77 -35.47
C VAL B 195 9.61 3.77 -36.61
N TYR B 196 9.84 4.25 -37.82
CA TYR B 196 10.08 3.41 -39.01
C TYR B 196 11.59 3.12 -39.16
N ARG B 197 12.47 3.80 -38.44
CA ARG B 197 13.94 3.61 -38.61
C ARG B 197 14.69 4.02 -37.36
N LYS B 198 15.72 3.28 -36.98
CA LYS B 198 16.30 3.32 -35.62
C LYS B 198 17.81 3.12 -35.65
N TYR B 199 18.57 4.01 -35.01
CA TYR B 199 20.05 3.93 -34.99
C TYR B 199 20.58 4.02 -33.56
N ASP B 200 21.52 3.13 -33.24
CA ASP B 200 22.43 3.21 -32.07
C ASP B 200 23.75 3.79 -32.58
N LEU B 201 24.05 5.08 -32.32
CA LEU B 201 25.27 5.76 -32.85
C LEU B 201 26.28 6.05 -31.74
N LYS B 202 27.57 5.75 -31.98
CA LYS B 202 28.69 6.01 -31.03
C LYS B 202 29.81 6.91 -31.60
N GLY B 203 29.92 7.01 -32.93
CA GLY B 203 31.02 7.66 -33.65
C GLY B 203 32.33 6.91 -33.48
N SER B 204 32.30 5.62 -33.19
CA SER B 204 33.52 4.81 -33.11
C SER B 204 33.97 4.50 -34.52
N THR B 205 35.29 4.59 -34.75
CA THR B 205 35.95 4.37 -36.05
C THR B 205 35.78 2.90 -36.46
N VAL B 206 35.58 2.00 -35.50
CA VAL B 206 35.58 0.52 -35.75
C VAL B 206 34.31 0.12 -36.49
N ALA B 207 34.27 -1.15 -36.92
CA ALA B 207 33.12 -1.94 -37.41
C ALA B 207 31.94 -1.85 -36.42
N ARG B 208 31.02 -0.93 -36.73
CA ARG B 208 29.68 -0.82 -36.13
C ARG B 208 28.64 -0.98 -37.24
N GLU B 209 28.16 -2.19 -37.42
CA GLU B 209 27.25 -2.55 -38.52
C GLU B 209 26.28 -3.54 -37.91
N ALA B 210 24.97 -3.35 -38.03
CA ALA B 210 23.98 -4.35 -37.59
C ALA B 210 24.22 -5.65 -38.35
N SER B 211 24.01 -6.78 -37.68
CA SER B 211 24.17 -8.14 -38.27
C SER B 211 23.22 -8.32 -39.46
N ASP B 212 23.42 -9.37 -40.26
CA ASP B 212 22.42 -9.85 -41.25
C ASP B 212 21.14 -10.28 -40.50
N LYS B 213 21.25 -10.82 -39.29
CA LYS B 213 20.07 -11.27 -38.51
C LYS B 213 19.29 -10.05 -38.05
N GLU B 214 19.98 -9.09 -37.43
CA GLU B 214 19.38 -7.79 -36.99
C GLU B 214 18.59 -7.15 -38.14
N LYS B 215 19.18 -7.10 -39.34
CA LYS B 215 18.65 -6.28 -40.46
C LYS B 215 17.35 -6.88 -41.01
N ALA B 216 17.04 -8.14 -40.69
CA ALA B 216 15.84 -8.87 -41.17
C ALA B 216 14.64 -8.58 -40.26
N LYS B 217 14.89 -8.10 -39.04
CA LYS B 217 13.80 -7.73 -38.09
C LYS B 217 12.96 -6.61 -38.69
N GLU B 218 11.78 -6.34 -38.14
CA GLU B 218 10.87 -5.37 -38.76
C GLU B 218 11.45 -3.97 -38.50
N LEU B 219 11.92 -3.74 -37.28
CA LEU B 219 12.66 -2.53 -36.83
C LEU B 219 14.07 -2.92 -36.38
N PRO B 220 15.06 -3.07 -37.29
CA PRO B 220 16.45 -3.30 -36.90
C PRO B 220 17.03 -2.10 -36.14
N THR B 221 17.83 -2.35 -35.10
CA THR B 221 18.75 -1.36 -34.48
C THR B 221 19.97 -1.18 -35.43
N LEU B 222 19.90 -0.21 -36.34
CA LEU B 222 21.01 0.09 -37.29
C LEU B 222 22.15 0.79 -36.50
N LYS B 223 23.35 0.87 -37.07
CA LYS B 223 24.53 1.40 -36.34
C LYS B 223 25.24 2.40 -37.26
N ASP B 224 26.41 2.88 -36.83
CA ASP B 224 27.14 4.02 -37.44
C ASP B 224 27.28 3.78 -38.94
N ASN B 225 27.84 2.65 -39.35
CA ASN B 225 28.16 2.41 -40.78
C ASN B 225 26.87 2.17 -41.57
N ASP B 226 25.78 1.70 -40.95
CA ASP B 226 24.48 1.58 -41.64
C ASP B 226 23.99 3.01 -41.93
N PHE B 227 24.14 3.92 -40.94
CA PHE B 227 23.76 5.35 -41.05
C PHE B 227 24.49 5.97 -42.25
N ILE B 228 25.82 5.81 -42.36
CA ILE B 228 26.64 6.40 -43.45
C ILE B 228 26.29 5.71 -44.78
N ASN B 229 26.17 4.37 -44.79
CA ASN B 229 26.06 3.56 -46.05
C ASN B 229 24.64 3.68 -46.63
N GLU B 230 23.64 4.04 -45.79
CA GLU B 230 22.21 4.23 -46.19
C GLU B 230 21.98 5.71 -46.60
N GLY B 231 22.97 6.59 -46.40
CA GLY B 231 22.87 8.03 -46.72
C GLY B 231 21.70 8.67 -46.00
N GLN B 232 21.56 8.36 -44.72
CA GLN B 232 20.49 8.86 -43.82
C GLN B 232 20.77 10.33 -43.49
N LYS B 233 19.75 11.19 -43.63
CA LYS B 233 19.81 12.61 -43.24
C LYS B 233 18.81 12.90 -42.15
N ILE B 234 19.25 13.70 -41.17
CA ILE B 234 18.42 14.37 -40.16
C ILE B 234 18.33 15.85 -40.50
N TYR B 235 17.14 16.34 -40.84
CA TYR B 235 16.94 17.77 -41.21
C TYR B 235 16.21 18.51 -40.09
N ILE B 236 16.96 19.17 -39.21
CA ILE B 236 16.36 20.09 -38.20
C ILE B 236 16.93 21.48 -38.41
N ASP B 237 16.16 22.53 -38.08
CA ASP B 237 16.54 23.93 -38.42
C ASP B 237 17.71 24.37 -37.54
N ASP B 238 18.36 25.47 -37.91
CA ASP B 238 19.64 25.90 -37.31
C ASP B 238 19.43 26.08 -35.81
N ASN B 239 18.27 26.61 -35.42
CA ASN B 239 17.97 26.88 -34.00
C ASN B 239 17.94 25.58 -33.18
N ASN B 240 17.13 24.58 -33.57
CA ASN B 240 16.94 23.32 -32.78
C ASN B 240 18.26 22.57 -32.73
N LYS B 241 19.02 22.58 -33.81
CA LYS B 241 20.37 21.95 -33.90
C LYS B 241 21.32 22.59 -32.88
N LYS B 242 21.31 23.92 -32.80
CA LYS B 242 22.19 24.66 -31.86
C LYS B 242 21.81 24.23 -30.44
N VAL B 243 20.54 24.36 -30.07
CA VAL B 243 20.02 23.98 -28.72
C VAL B 243 20.33 22.50 -28.41
N PHE B 244 20.11 21.61 -29.39
CA PHE B 244 20.39 20.15 -29.26
C PHE B 244 21.89 19.94 -29.00
N LEU B 245 22.76 20.44 -29.88
CA LEU B 245 24.24 20.27 -29.77
C LEU B 245 24.84 20.96 -28.52
N GLU B 246 24.29 22.11 -28.08
CA GLU B 246 24.67 22.73 -26.79
C GLU B 246 24.39 21.75 -25.63
N LYS B 247 23.17 21.19 -25.54
CA LYS B 247 22.82 20.21 -24.49
C LYS B 247 23.78 19.02 -24.57
N LEU B 248 23.92 18.42 -25.76
CA LEU B 248 24.66 17.14 -25.97
C LEU B 248 26.10 17.29 -25.48
N LYS B 249 26.70 18.44 -25.82
CA LYS B 249 28.06 18.87 -25.38
C LYS B 249 28.15 18.88 -23.84
N LYS B 250 27.27 19.61 -23.16
CA LYS B 250 27.30 19.68 -21.68
C LYS B 250 27.11 18.27 -21.09
N ASP B 251 26.13 17.52 -21.60
CA ASP B 251 25.79 16.14 -21.16
C ASP B 251 27.03 15.25 -21.28
N VAL B 252 27.65 15.29 -22.46
CA VAL B 252 28.82 14.46 -22.83
C VAL B 252 30.07 14.89 -22.05
N GLU B 253 30.25 16.20 -21.77
CA GLU B 253 31.36 16.66 -20.87
C GLU B 253 31.11 16.17 -19.43
N PHE B 254 29.86 16.12 -18.98
CA PHE B 254 29.55 15.55 -17.63
C PHE B 254 29.97 14.08 -17.61
N LEU B 255 29.60 13.30 -18.64
CA LEU B 255 29.89 11.85 -18.69
C LEU B 255 31.39 11.66 -18.68
N ALA B 256 32.14 12.50 -19.38
CA ALA B 256 33.62 12.44 -19.38
C ALA B 256 34.17 12.74 -17.98
N GLN B 257 33.66 13.75 -17.28
CA GLN B 257 34.11 14.12 -15.89
C GLN B 257 33.94 12.87 -15.02
N LEU B 258 32.79 12.19 -15.09
CA LEU B 258 32.53 10.90 -14.36
C LEU B 258 33.41 9.77 -14.90
N LYS B 259 34.01 9.93 -16.07
CA LYS B 259 34.93 8.90 -16.65
C LYS B 259 34.07 7.72 -17.11
N LEU B 260 32.86 8.06 -17.58
CA LEU B 260 31.97 7.08 -18.25
C LEU B 260 32.22 7.17 -19.76
N MET B 261 31.97 6.06 -20.44
CA MET B 261 32.14 5.93 -21.89
C MET B 261 31.18 4.86 -22.43
N ASP B 262 31.32 4.55 -23.72
CA ASP B 262 30.60 3.50 -24.51
C ASP B 262 29.10 3.79 -24.57
N TYR B 263 28.67 5.03 -24.31
CA TYR B 263 27.27 5.51 -24.48
C TYR B 263 27.00 5.75 -25.98
N SER B 264 25.73 5.76 -26.33
CA SER B 264 25.22 5.80 -27.71
C SER B 264 24.28 6.99 -27.84
N LEU B 265 24.19 7.62 -28.99
CA LEU B 265 22.97 8.39 -29.30
C LEU B 265 21.98 7.43 -29.99
N LEU B 266 20.79 7.34 -29.43
CA LEU B 266 19.70 6.53 -29.99
C LEU B 266 18.91 7.51 -30.82
N VAL B 267 18.65 7.19 -32.08
CA VAL B 267 17.88 8.03 -33.03
C VAL B 267 16.73 7.20 -33.59
N GLY B 268 15.50 7.65 -33.35
CA GLY B 268 14.25 7.13 -33.93
C GLY B 268 13.69 8.15 -34.91
N ILE B 269 13.34 7.70 -36.11
CA ILE B 269 12.77 8.55 -37.19
C ILE B 269 11.33 8.09 -37.47
N HIS B 270 10.39 9.01 -37.28
CA HIS B 270 8.94 8.84 -37.57
C HIS B 270 8.66 9.50 -38.90
N ASP B 271 8.08 8.78 -39.85
CA ASP B 271 7.73 9.26 -41.17
C ASP B 271 6.30 9.72 -41.14
N VAL B 272 6.10 11.03 -41.16
CA VAL B 272 4.77 11.64 -41.09
C VAL B 272 3.88 11.31 -42.25
N GLU B 273 4.49 11.15 -43.42
CA GLU B 273 3.78 10.87 -44.64
C GLU B 273 2.98 9.58 -44.62
N ARG B 274 3.45 8.56 -43.92
CA ARG B 274 2.66 7.36 -43.87
C ARG B 274 1.59 7.63 -42.84
N ALA B 275 0.43 8.01 -43.35
CA ALA B 275 -0.72 8.36 -42.55
C ALA B 275 -2.01 8.20 -43.35
N ALA B 317 -3.35 14.85 -34.57
CA ALA B 317 -3.03 15.19 -35.98
C ALA B 317 -1.73 14.49 -36.40
N PRO B 318 -1.45 14.32 -37.72
CA PRO B 318 -0.32 13.50 -38.19
C PRO B 318 1.08 13.91 -37.70
N GLY B 319 1.56 15.12 -38.05
CA GLY B 319 2.95 15.53 -37.75
C GLY B 319 3.26 15.73 -36.26
N GLU B 320 2.26 15.69 -35.37
CA GLU B 320 2.28 16.35 -34.03
C GLU B 320 2.49 15.36 -32.88
N PHE B 321 2.98 15.90 -31.77
CA PHE B 321 3.31 15.18 -30.52
C PHE B 321 3.34 16.20 -29.39
N ASP B 322 3.04 15.77 -28.17
CA ASP B 322 3.06 16.62 -26.95
C ASP B 322 4.52 16.64 -26.45
N PRO B 323 5.23 17.79 -26.46
CA PRO B 323 6.62 17.85 -26.01
C PRO B 323 6.84 17.80 -24.49
N ASN B 324 5.77 17.78 -23.69
CA ASN B 324 5.84 17.46 -22.23
C ASN B 324 5.77 15.94 -22.03
N ILE B 325 5.24 15.18 -22.98
CA ILE B 325 5.27 13.69 -22.90
C ILE B 325 6.48 13.19 -23.72
N ASP B 326 6.49 13.43 -25.02
CA ASP B 326 7.59 12.94 -25.89
C ASP B 326 8.66 14.04 -25.97
N VAL B 327 9.51 14.12 -24.97
CA VAL B 327 10.33 15.32 -24.63
C VAL B 327 11.55 15.40 -25.56
N TYR B 328 11.88 14.30 -26.23
CA TYR B 328 13.06 14.19 -27.14
C TYR B 328 12.67 14.40 -28.61
N GLY B 329 11.39 14.64 -28.87
CA GLY B 329 10.89 14.91 -30.22
C GLY B 329 11.38 16.25 -30.77
N ILE B 330 11.77 16.27 -32.04
CA ILE B 330 12.19 17.49 -32.75
C ILE B 330 11.63 17.40 -34.15
N LYS B 331 10.86 18.40 -34.58
CA LYS B 331 10.29 18.46 -35.95
C LYS B 331 11.44 18.71 -36.93
N CYS B 332 11.22 18.27 -38.16
CA CYS B 332 12.19 18.44 -39.24
C CYS B 332 12.06 19.85 -39.78
N HIS B 333 13.12 20.33 -40.45
CA HIS B 333 13.18 21.55 -41.31
C HIS B 333 11.95 21.63 -42.20
N GLU B 334 11.40 22.82 -42.42
CA GLU B 334 10.28 23.01 -43.37
C GLU B 334 10.70 22.44 -44.74
N ASN B 335 11.98 22.62 -45.15
CA ASN B 335 12.47 22.35 -46.53
C ASN B 335 13.10 20.95 -46.61
N SER B 336 12.90 20.13 -45.57
CA SER B 336 13.08 18.66 -45.60
C SER B 336 12.35 18.09 -46.81
N PRO B 337 12.97 17.18 -47.57
CA PRO B 337 12.25 16.53 -48.66
C PRO B 337 11.23 15.49 -48.16
N ARG B 338 11.31 15.08 -46.90
CA ARG B 338 10.36 14.14 -46.34
C ARG B 338 9.93 14.61 -44.98
N LYS B 339 8.62 14.60 -44.73
CA LYS B 339 8.09 15.00 -43.44
C LYS B 339 8.50 13.94 -42.46
N GLU B 340 9.22 14.35 -41.43
CA GLU B 340 9.81 13.44 -40.43
C GLU B 340 9.80 14.11 -39.05
N VAL B 341 9.86 13.28 -38.02
CA VAL B 341 10.04 13.70 -36.61
C VAL B 341 11.14 12.79 -36.07
N TYR B 342 12.05 13.42 -35.35
CA TYR B 342 13.28 12.78 -34.84
C TYR B 342 13.18 12.71 -33.32
N PHE B 343 13.49 11.55 -32.79
CA PHE B 343 13.56 11.26 -31.34
C PHE B 343 14.98 10.84 -31.03
N MET B 344 15.74 11.73 -30.41
CA MET B 344 17.21 11.57 -30.22
C MET B 344 17.58 11.79 -28.75
N ALA B 345 18.31 10.83 -28.17
CA ALA B 345 18.86 11.01 -26.80
C ALA B 345 19.98 10.03 -26.53
N ILE B 346 20.62 10.23 -25.39
CA ILE B 346 21.77 9.37 -24.98
C ILE B 346 21.17 8.19 -24.18
N ILE B 347 21.68 6.98 -24.42
CA ILE B 347 21.39 5.76 -23.60
C ILE B 347 22.70 5.07 -23.23
N ILE B 349 24.89 4.62 -20.47
CA ILE B 349 26.02 5.43 -20.02
C ILE B 349 26.92 4.72 -18.99
N LEU B 350 26.46 3.67 -18.33
CA LEU B 350 27.09 3.19 -17.08
C LEU B 350 28.21 2.16 -17.35
N THR B 351 29.26 2.60 -18.04
CA THR B 351 30.56 1.88 -18.19
C THR B 351 31.65 2.84 -17.69
N HIS B 352 32.39 2.47 -16.68
CA HIS B 352 33.45 3.29 -16.14
C HIS B 352 34.78 2.90 -16.78
N TYR B 353 35.71 3.85 -16.84
CA TYR B 353 37.03 3.64 -17.44
C TYR B 353 37.90 2.61 -16.73
N ASP B 354 37.69 2.43 -15.45
CA ASP B 354 38.48 1.51 -14.65
C ASP B 354 38.49 0.07 -15.15
N ALA B 355 37.37 -0.41 -15.70
CA ALA B 355 37.32 -1.76 -16.24
C ALA B 355 38.48 -2.13 -17.18
N VAL B 377 41.60 3.92 -26.08
CA VAL B 377 40.69 5.10 -26.12
C VAL B 377 40.13 5.40 -24.72
N ASN B 378 40.13 6.67 -24.30
CA ASN B 378 39.78 7.09 -22.91
C ASN B 378 38.54 7.98 -22.95
N PRO B 379 37.91 8.31 -21.79
CA PRO B 379 36.65 9.03 -21.80
C PRO B 379 36.69 10.40 -22.48
N GLU B 380 37.79 11.16 -22.38
CA GLU B 380 37.93 12.46 -23.11
C GLU B 380 37.74 12.15 -24.60
N GLN B 381 38.55 11.23 -25.12
CA GLN B 381 38.62 10.83 -26.55
C GLN B 381 37.23 10.35 -27.01
N TYR B 382 36.62 9.43 -26.25
CA TYR B 382 35.30 8.84 -26.59
C TYR B 382 34.33 9.99 -26.81
N SER B 383 34.39 10.97 -25.91
CA SER B 383 33.38 12.06 -25.83
C SER B 383 33.59 12.97 -27.02
N LYS B 384 34.85 13.18 -27.39
CA LYS B 384 35.23 14.16 -28.42
C LYS B 384 34.90 13.49 -29.75
N ARG B 385 35.26 12.22 -29.89
CA ARG B 385 34.97 11.43 -31.13
C ARG B 385 33.45 11.32 -31.30
N PHE B 386 32.72 11.11 -30.19
CA PHE B 386 31.25 11.00 -30.18
C PHE B 386 30.59 12.31 -30.67
N LEU B 387 30.99 13.48 -30.13
CA LEU B 387 30.39 14.79 -30.54
C LEU B 387 30.75 15.12 -32.01
N ASP B 388 32.02 14.97 -32.40
CA ASP B 388 32.45 15.26 -33.78
C ASP B 388 31.49 14.50 -34.71
N PHE B 389 31.25 13.21 -34.47
CA PHE B 389 30.33 12.40 -35.32
C PHE B 389 28.89 12.96 -35.33
N ILE B 390 28.30 13.22 -34.16
CA ILE B 390 26.88 13.63 -34.09
C ILE B 390 26.73 14.95 -34.84
N GLY B 391 27.66 15.91 -34.61
CA GLY B 391 27.72 17.21 -35.30
C GLY B 391 27.89 17.03 -36.80
N HIS B 392 28.69 16.02 -37.21
CA HIS B 392 28.98 15.68 -38.63
C HIS B 392 27.68 15.28 -39.34
N ILE B 393 26.70 14.69 -38.66
CA ILE B 393 25.45 14.19 -39.32
C ILE B 393 24.26 15.12 -39.05
N LEU B 394 24.42 16.05 -38.09
CA LEU B 394 23.46 17.05 -37.49
C LEU B 394 22.67 16.47 -36.32
#